data_1PCZ
#
_entry.id   1PCZ
#
_cell.length_a   89.620
_cell.length_b   89.620
_cell.length_c   141.280
_cell.angle_alpha   90.00
_cell.angle_beta   90.00
_cell.angle_gamma   120.00
#
_symmetry.space_group_name_H-M   'P 61'
#
loop_
_entity.id
_entity.type
_entity.pdbx_description
1 polymer 'TATA-BINDING PROTEIN'
2 water water
#
_entity_poly.entity_id   1
_entity_poly.type   'polypeptide(L)'
_entity_poly.pdbx_seq_one_letter_code
;MVDMSKVKLRIENIVASVDLFAQLDLEKVLDLCPNSKYNPEEFPGIICHLDDPKVALLIFSSGKLVVTGAKSVQDIERAV
AKLAQKLKSIGVKFKRAPQIDVQNMVFSGDIGREFNLDVVALTLPNCEYEPEQFPGVIYRVKEPKSVILLFSSGKIVCSG
AKSEADAWEAVRKLLRELDKYGLLEEEEEEL
;
_entity_poly.pdbx_strand_id   A,B
#
# COMPACT_ATOMS: atom_id res chain seq x y z
N VAL A 2 -23.11 1.19 -6.65
CA VAL A 2 -21.77 1.84 -6.66
C VAL A 2 -21.72 2.96 -7.70
N ASP A 3 -21.07 4.06 -7.32
CA ASP A 3 -20.93 5.22 -8.17
C ASP A 3 -19.50 5.24 -8.72
N MET A 4 -19.30 4.49 -9.80
CA MET A 4 -18.00 4.38 -10.43
C MET A 4 -17.46 5.69 -10.99
N SER A 5 -18.30 6.72 -11.02
CA SER A 5 -17.91 8.01 -11.57
C SER A 5 -16.64 8.66 -11.02
N LYS A 6 -16.28 8.34 -9.78
CA LYS A 6 -15.10 8.93 -9.19
C LYS A 6 -13.99 7.92 -9.03
N VAL A 7 -14.25 6.72 -9.54
CA VAL A 7 -13.26 5.66 -9.45
C VAL A 7 -12.33 5.78 -10.66
N LYS A 8 -11.07 5.91 -10.34
CA LYS A 8 -10.03 6.04 -11.32
C LYS A 8 -9.08 4.87 -11.05
N LEU A 9 -8.39 4.44 -12.09
CA LEU A 9 -7.41 3.36 -11.97
C LEU A 9 -6.42 3.71 -13.03
N ARG A 10 -5.16 3.80 -12.67
CA ARG A 10 -4.18 4.12 -13.67
C ARG A 10 -3.01 3.18 -13.57
N ILE A 11 -2.66 2.63 -14.72
CA ILE A 11 -1.54 1.71 -14.79
C ILE A 11 -0.36 2.43 -14.18
N GLU A 12 0.26 1.75 -13.23
CA GLU A 12 1.41 2.28 -12.58
C GLU A 12 2.62 1.49 -13.02
N ASN A 13 2.41 0.22 -13.32
CA ASN A 13 3.50 -0.64 -13.67
C ASN A 13 3.04 -1.93 -14.30
N ILE A 14 3.85 -2.42 -15.24
CA ILE A 14 3.60 -3.70 -15.91
C ILE A 14 4.92 -4.47 -15.87
N VAL A 15 4.80 -5.70 -15.42
CA VAL A 15 5.96 -6.55 -15.33
C VAL A 15 5.63 -7.70 -16.25
N ALA A 16 6.51 -7.98 -17.20
CA ALA A 16 6.28 -9.09 -18.13
C ALA A 16 7.36 -10.13 -18.01
N SER A 17 6.94 -11.38 -18.08
CA SER A 17 7.87 -12.50 -18.05
C SER A 17 8.25 -12.68 -19.52
N VAL A 18 9.53 -12.65 -19.83
CA VAL A 18 9.96 -12.81 -21.21
C VAL A 18 10.89 -14.01 -21.37
N ASP A 19 10.75 -14.68 -22.51
CA ASP A 19 11.59 -15.80 -22.82
C ASP A 19 12.19 -15.52 -24.18
N LEU A 20 13.49 -15.31 -24.19
CA LEU A 20 14.19 -15.04 -25.44
C LEU A 20 14.49 -16.34 -26.14
N PHE A 21 14.49 -17.43 -25.38
CA PHE A 21 14.78 -18.74 -25.95
C PHE A 21 16.18 -18.58 -26.57
N ALA A 22 17.14 -18.39 -25.68
CA ALA A 22 18.51 -18.21 -26.03
C ALA A 22 19.25 -18.09 -24.73
N GLN A 23 20.05 -19.10 -24.40
CA GLN A 23 20.86 -19.06 -23.18
C GLN A 23 21.73 -17.80 -23.36
N LEU A 24 22.00 -17.13 -22.25
CA LEU A 24 22.75 -15.90 -22.31
C LEU A 24 23.97 -15.95 -21.42
N ASP A 25 25.03 -15.25 -21.84
CA ASP A 25 26.26 -15.17 -21.10
C ASP A 25 26.09 -13.81 -20.46
N LEU A 26 25.60 -13.83 -19.24
CA LEU A 26 25.33 -12.60 -18.52
C LEU A 26 26.54 -11.69 -18.50
N GLU A 27 27.73 -12.30 -18.43
CA GLU A 27 28.99 -11.55 -18.42
C GLU A 27 29.08 -10.70 -19.69
N LYS A 28 28.59 -11.25 -20.79
CA LYS A 28 28.57 -10.54 -22.06
C LYS A 28 27.39 -9.58 -22.09
N VAL A 29 26.22 -10.09 -21.69
CA VAL A 29 25.00 -9.29 -21.65
C VAL A 29 25.30 -7.98 -20.89
N LEU A 30 26.16 -8.07 -19.88
CA LEU A 30 26.54 -6.91 -19.09
C LEU A 30 26.99 -5.76 -19.94
N ASP A 31 27.67 -6.10 -21.03
CA ASP A 31 28.20 -5.09 -21.94
C ASP A 31 27.07 -4.25 -22.47
N LEU A 32 25.93 -4.90 -22.76
CA LEU A 32 24.75 -4.21 -23.27
C LEU A 32 24.07 -3.35 -22.21
N CYS A 33 24.33 -3.67 -20.95
CA CYS A 33 23.72 -2.96 -19.88
C CYS A 33 24.66 -2.01 -19.14
N PRO A 34 24.45 -0.70 -19.30
CA PRO A 34 25.21 0.41 -18.70
C PRO A 34 25.13 0.43 -17.18
N ASN A 35 26.29 0.28 -16.55
CA ASN A 35 26.41 0.28 -15.09
C ASN A 35 25.82 -0.98 -14.47
N SER A 36 25.33 -1.88 -15.31
CA SER A 36 24.77 -3.11 -14.83
C SER A 36 25.95 -3.85 -14.24
N LYS A 37 25.66 -4.65 -13.21
CA LYS A 37 26.66 -5.43 -12.53
C LYS A 37 26.12 -6.83 -12.45
N TYR A 38 27.00 -7.81 -12.44
CA TYR A 38 26.54 -9.16 -12.33
C TYR A 38 27.18 -9.72 -11.08
N ASN A 39 26.35 -10.01 -10.09
CA ASN A 39 26.82 -10.59 -8.84
C ASN A 39 25.86 -11.70 -8.57
N PRO A 40 26.13 -12.89 -9.12
CA PRO A 40 25.27 -14.06 -8.95
C PRO A 40 24.95 -14.41 -7.51
N GLU A 41 25.78 -13.99 -6.57
CA GLU A 41 25.49 -14.32 -5.19
C GLU A 41 24.59 -13.27 -4.58
N GLU A 42 24.29 -12.26 -5.38
CA GLU A 42 23.41 -11.19 -4.99
C GLU A 42 22.09 -11.46 -5.70
N PHE A 43 22.17 -11.78 -6.98
CA PHE A 43 21.00 -12.02 -7.81
C PHE A 43 21.52 -12.85 -8.97
N PRO A 44 20.85 -13.95 -9.30
CA PRO A 44 21.30 -14.80 -10.40
C PRO A 44 21.32 -14.13 -11.77
N GLY A 45 20.49 -13.12 -11.97
CA GLY A 45 20.46 -12.44 -13.24
C GLY A 45 21.15 -11.09 -13.18
N ILE A 46 20.96 -10.28 -14.20
CA ILE A 46 21.53 -8.93 -14.17
C ILE A 46 20.36 -7.98 -14.36
N ILE A 47 20.47 -6.79 -13.79
CA ILE A 47 19.44 -5.80 -13.93
C ILE A 47 19.86 -4.91 -15.08
N CYS A 48 19.24 -5.11 -16.22
CA CYS A 48 19.56 -4.31 -17.35
C CYS A 48 18.65 -3.13 -17.43
N HIS A 49 19.21 -1.94 -17.31
CA HIS A 49 18.40 -0.77 -17.44
C HIS A 49 18.41 -0.17 -18.86
N LEU A 50 17.22 -0.07 -19.42
CA LEU A 50 16.99 0.53 -20.71
C LEU A 50 16.59 1.96 -20.36
N ASP A 51 17.02 2.92 -21.16
CA ASP A 51 16.65 4.28 -20.90
C ASP A 51 15.43 4.59 -21.74
N ASP A 52 15.28 3.84 -22.84
CA ASP A 52 14.15 4.06 -23.71
C ASP A 52 13.70 2.72 -24.26
N PRO A 53 12.58 2.19 -23.73
CA PRO A 53 11.83 2.84 -22.66
C PRO A 53 12.53 2.66 -21.30
N LYS A 54 12.19 3.50 -20.34
CA LYS A 54 12.78 3.39 -19.02
C LYS A 54 12.16 2.12 -18.46
N VAL A 55 12.96 1.06 -18.47
CA VAL A 55 12.55 -0.24 -18.02
C VAL A 55 13.82 -0.93 -17.48
N ALA A 56 13.64 -1.92 -16.63
CA ALA A 56 14.79 -2.64 -16.12
C ALA A 56 14.44 -4.08 -16.41
N LEU A 57 15.39 -4.79 -17.00
CA LEU A 57 15.17 -6.18 -17.35
C LEU A 57 15.97 -7.04 -16.42
N LEU A 58 15.33 -8.03 -15.84
CA LEU A 58 16.04 -8.95 -14.95
C LEU A 58 16.35 -10.02 -15.95
N ILE A 59 17.59 -10.01 -16.43
CA ILE A 59 18.00 -10.97 -17.45
C ILE A 59 18.66 -12.15 -16.84
N PHE A 60 18.14 -13.32 -17.16
CA PHE A 60 18.66 -14.55 -16.67
C PHE A 60 19.45 -15.30 -17.76
N SER A 61 20.34 -16.16 -17.33
CA SER A 61 21.18 -16.94 -18.24
C SER A 61 20.30 -17.74 -19.18
N SER A 62 19.19 -18.22 -18.66
CA SER A 62 18.25 -19.01 -19.45
C SER A 62 17.66 -18.26 -20.65
N GLY A 63 17.92 -16.96 -20.72
CA GLY A 63 17.32 -16.16 -21.78
C GLY A 63 15.94 -15.69 -21.37
N LYS A 64 15.47 -16.20 -20.24
CA LYS A 64 14.19 -15.78 -19.69
C LYS A 64 14.58 -14.47 -19.02
N LEU A 65 13.66 -13.52 -19.05
CA LEU A 65 13.93 -12.24 -18.46
C LEU A 65 12.64 -11.67 -17.92
N VAL A 66 12.75 -10.57 -17.22
CA VAL A 66 11.58 -9.90 -16.67
C VAL A 66 11.68 -8.43 -16.95
N VAL A 67 10.69 -7.93 -17.69
CA VAL A 67 10.64 -6.50 -17.99
C VAL A 67 9.94 -5.87 -16.78
N THR A 68 10.61 -4.93 -16.13
CA THR A 68 10.06 -4.31 -14.95
C THR A 68 10.16 -2.82 -15.12
N GLY A 69 9.29 -2.09 -14.44
CA GLY A 69 9.33 -0.64 -14.51
C GLY A 69 8.68 -0.09 -15.72
N ALA A 70 7.89 -0.92 -16.37
CA ALA A 70 7.20 -0.53 -17.59
C ALA A 70 5.86 0.09 -17.23
N LYS A 71 5.50 1.13 -17.98
CA LYS A 71 4.24 1.82 -17.79
C LYS A 71 3.24 1.39 -18.85
N SER A 72 3.71 0.69 -19.87
CA SER A 72 2.84 0.25 -20.93
C SER A 72 3.30 -1.03 -21.54
N VAL A 73 2.37 -1.66 -22.25
CA VAL A 73 2.61 -2.89 -22.96
C VAL A 73 3.61 -2.55 -24.07
N GLN A 74 3.57 -1.30 -24.51
CA GLN A 74 4.49 -0.86 -25.52
C GLN A 74 5.90 -0.86 -24.97
N ASP A 75 6.05 -0.43 -23.73
CA ASP A 75 7.36 -0.40 -23.10
C ASP A 75 7.97 -1.78 -23.11
N ILE A 76 7.14 -2.75 -22.79
CA ILE A 76 7.55 -4.12 -22.73
C ILE A 76 8.02 -4.57 -24.10
N GLU A 77 7.22 -4.31 -25.12
CA GLU A 77 7.52 -4.69 -26.48
C GLU A 77 8.81 -4.00 -26.92
N ARG A 78 8.84 -2.68 -26.82
CA ARG A 78 10.02 -1.96 -27.20
C ARG A 78 11.26 -2.45 -26.42
N ALA A 79 11.06 -2.88 -25.17
CA ALA A 79 12.16 -3.33 -24.32
C ALA A 79 12.73 -4.67 -24.71
N VAL A 80 11.83 -5.61 -24.97
CA VAL A 80 12.22 -6.94 -25.34
C VAL A 80 12.95 -6.88 -26.67
N ALA A 81 12.45 -6.03 -27.54
CA ALA A 81 13.01 -5.83 -28.88
C ALA A 81 14.39 -5.23 -28.74
N LYS A 82 14.46 -4.02 -28.19
CA LYS A 82 15.72 -3.32 -27.99
C LYS A 82 16.77 -4.21 -27.33
N LEU A 83 16.31 -5.10 -26.47
CA LEU A 83 17.18 -6.01 -25.76
C LEU A 83 17.69 -6.99 -26.78
N ALA A 84 16.78 -7.73 -27.43
CA ALA A 84 17.14 -8.74 -28.42
C ALA A 84 18.01 -8.16 -29.54
N GLN A 85 17.86 -6.87 -29.80
CA GLN A 85 18.65 -6.17 -30.80
C GLN A 85 20.07 -6.22 -30.28
N LYS A 86 20.23 -5.67 -29.09
CA LYS A 86 21.50 -5.60 -28.40
C LYS A 86 22.14 -6.99 -28.27
N LEU A 87 21.33 -8.01 -28.09
CA LEU A 87 21.83 -9.35 -27.92
C LEU A 87 22.40 -9.89 -29.20
N LYS A 88 21.71 -9.66 -30.31
CA LYS A 88 22.20 -10.14 -31.60
C LYS A 88 23.46 -9.35 -31.89
N SER A 89 23.47 -8.07 -31.49
CA SER A 89 24.63 -7.22 -31.70
C SER A 89 25.86 -7.75 -30.97
N ILE A 90 25.68 -8.81 -30.18
CA ILE A 90 26.77 -9.46 -29.46
C ILE A 90 26.82 -10.95 -29.81
N GLY A 91 26.04 -11.35 -30.80
CA GLY A 91 26.08 -12.71 -31.26
C GLY A 91 25.06 -13.71 -30.79
N VAL A 92 24.00 -13.23 -30.15
CA VAL A 92 22.98 -14.16 -29.69
C VAL A 92 22.00 -14.51 -30.80
N LYS A 93 21.77 -15.79 -30.99
CA LYS A 93 20.83 -16.23 -32.00
C LYS A 93 19.79 -16.90 -31.17
N PHE A 94 18.55 -16.43 -31.30
CA PHE A 94 17.46 -16.96 -30.50
C PHE A 94 16.72 -18.09 -31.19
N LYS A 95 16.51 -19.17 -30.45
CA LYS A 95 15.84 -20.35 -30.98
C LYS A 95 14.40 -20.11 -31.38
N ARG A 96 13.72 -19.22 -30.64
CA ARG A 96 12.33 -18.90 -30.94
C ARG A 96 12.11 -17.40 -30.91
N ALA A 97 10.84 -17.05 -31.05
CA ALA A 97 10.43 -15.66 -30.98
C ALA A 97 10.23 -15.50 -29.49
N PRO A 98 10.53 -14.31 -28.94
CA PRO A 98 10.37 -14.07 -27.51
C PRO A 98 8.94 -14.35 -27.05
N GLN A 99 8.79 -15.16 -26.00
CA GLN A 99 7.47 -15.45 -25.42
C GLN A 99 7.26 -14.37 -24.34
N ILE A 100 6.55 -13.31 -24.71
CA ILE A 100 6.26 -12.23 -23.80
C ILE A 100 4.88 -12.44 -23.17
N ASP A 101 4.84 -12.40 -21.84
CA ASP A 101 3.61 -12.56 -21.07
C ASP A 101 3.57 -11.52 -19.97
N VAL A 102 2.41 -10.89 -19.80
CA VAL A 102 2.26 -9.89 -18.75
C VAL A 102 2.24 -10.69 -17.45
N GLN A 103 3.21 -10.38 -16.60
CA GLN A 103 3.37 -11.05 -15.33
C GLN A 103 2.44 -10.38 -14.33
N ASN A 104 2.45 -9.05 -14.30
CA ASN A 104 1.64 -8.35 -13.34
C ASN A 104 1.48 -6.93 -13.75
N MET A 105 0.33 -6.38 -13.35
CA MET A 105 0.01 -4.98 -13.58
C MET A 105 -0.38 -4.39 -12.25
N VAL A 106 0.13 -3.20 -12.00
CA VAL A 106 -0.17 -2.52 -10.80
C VAL A 106 -0.85 -1.27 -11.25
N PHE A 107 -2.00 -1.00 -10.67
CA PHE A 107 -2.78 0.19 -10.96
C PHE A 107 -2.92 0.93 -9.66
N SER A 108 -2.75 2.25 -9.70
CA SER A 108 -2.95 3.04 -8.51
C SER A 108 -4.34 3.60 -8.84
N GLY A 109 -5.12 3.97 -7.85
CA GLY A 109 -6.42 4.49 -8.20
C GLY A 109 -6.95 5.27 -7.04
N ASP A 110 -8.22 5.61 -7.16
CA ASP A 110 -8.93 6.34 -6.16
C ASP A 110 -10.33 5.84 -6.36
N ILE A 111 -10.93 5.24 -5.33
CA ILE A 111 -12.31 4.78 -5.47
C ILE A 111 -13.32 5.89 -5.32
N GLY A 112 -12.85 7.09 -5.01
CA GLY A 112 -13.75 8.21 -4.96
C GLY A 112 -14.01 8.82 -3.62
N ARG A 113 -13.82 8.05 -2.56
CA ARG A 113 -14.13 8.57 -1.24
C ARG A 113 -13.19 8.02 -0.19
N GLU A 114 -13.16 8.72 0.93
CA GLU A 114 -12.36 8.31 2.03
C GLU A 114 -13.05 7.19 2.77
N PHE A 115 -12.26 6.39 3.46
CA PHE A 115 -12.79 5.27 4.19
C PHE A 115 -12.16 5.22 5.55
N ASN A 116 -12.87 4.58 6.47
CA ASN A 116 -12.32 4.41 7.80
C ASN A 116 -11.99 2.99 7.65
N LEU A 117 -10.70 2.75 7.49
CA LEU A 117 -10.15 1.42 7.30
C LEU A 117 -10.48 0.45 8.40
N ASP A 118 -10.52 0.96 9.62
CA ASP A 118 -10.85 0.09 10.73
C ASP A 118 -12.27 -0.41 10.58
N VAL A 119 -13.17 0.49 10.19
CA VAL A 119 -14.56 0.11 9.98
C VAL A 119 -14.65 -0.81 8.77
N VAL A 120 -14.00 -0.46 7.68
CA VAL A 120 -14.03 -1.34 6.52
C VAL A 120 -13.51 -2.70 6.93
N ALA A 121 -12.39 -2.73 7.65
CA ALA A 121 -11.80 -3.98 8.07
C ALA A 121 -12.72 -4.74 9.01
N LEU A 122 -13.50 -4.02 9.78
CA LEU A 122 -14.42 -4.66 10.71
C LEU A 122 -15.64 -5.12 9.96
N THR A 123 -16.02 -4.36 8.95
CA THR A 123 -17.21 -4.67 8.20
C THR A 123 -17.03 -5.68 7.07
N LEU A 124 -16.03 -5.41 6.23
CA LEU A 124 -15.70 -6.20 5.07
C LEU A 124 -15.19 -7.56 5.40
N PRO A 125 -15.89 -8.59 4.91
CA PRO A 125 -15.54 -9.98 5.16
C PRO A 125 -14.14 -10.41 4.70
N ASN A 126 -13.85 -10.37 3.40
CA ASN A 126 -12.53 -10.85 2.97
C ASN A 126 -11.47 -9.79 2.73
N CYS A 127 -11.01 -9.19 3.83
CA CYS A 127 -9.99 -8.15 3.77
C CYS A 127 -9.02 -8.28 4.94
N GLU A 128 -7.83 -7.72 4.79
CA GLU A 128 -6.83 -7.81 5.83
C GLU A 128 -6.51 -6.42 6.22
N TYR A 129 -6.21 -6.25 7.49
CA TYR A 129 -5.93 -4.93 7.96
C TYR A 129 -5.17 -4.98 9.25
N GLU A 130 -3.90 -4.59 9.19
CA GLU A 130 -3.06 -4.48 10.34
C GLU A 130 -2.11 -3.34 9.99
N PRO A 131 -2.63 -2.09 10.09
CA PRO A 131 -1.95 -0.82 9.79
C PRO A 131 -0.55 -0.62 10.32
N GLU A 132 -0.29 -1.14 11.50
CA GLU A 132 1.03 -0.97 12.09
C GLU A 132 2.06 -1.65 11.19
N GLN A 133 1.69 -2.87 10.77
CA GLN A 133 2.48 -3.75 9.94
C GLN A 133 2.45 -3.38 8.45
N PHE A 134 1.28 -3.01 7.97
CA PHE A 134 1.15 -2.70 6.57
C PHE A 134 0.04 -1.71 6.44
N PRO A 135 0.31 -0.56 5.80
CA PRO A 135 -0.77 0.41 5.68
C PRO A 135 -1.84 -0.04 4.71
N GLY A 136 -3.07 0.37 4.99
CA GLY A 136 -4.18 0.07 4.10
C GLY A 136 -4.84 -1.23 4.43
N VAL A 137 -6.00 -1.42 3.82
CA VAL A 137 -6.80 -2.62 3.94
C VAL A 137 -6.48 -3.39 2.66
N ILE A 138 -6.09 -4.63 2.83
CA ILE A 138 -5.76 -5.51 1.72
C ILE A 138 -7.01 -6.29 1.35
N TYR A 139 -7.45 -6.11 0.12
CA TYR A 139 -8.61 -6.81 -0.36
C TYR A 139 -8.18 -7.74 -1.48
N ARG A 140 -8.22 -9.03 -1.22
CA ARG A 140 -7.84 -9.99 -2.22
C ARG A 140 -9.03 -10.54 -2.97
N VAL A 141 -9.01 -10.33 -4.26
CA VAL A 141 -10.05 -10.80 -5.15
C VAL A 141 -9.64 -12.19 -5.63
N LYS A 142 -10.61 -13.08 -5.67
CA LYS A 142 -10.39 -14.46 -6.10
C LYS A 142 -10.48 -14.53 -7.62
N GLU A 143 -11.46 -13.83 -8.19
CA GLU A 143 -11.65 -13.82 -9.63
C GLU A 143 -11.88 -12.38 -10.11
N PRO A 144 -10.89 -11.78 -10.77
CA PRO A 144 -9.59 -12.41 -11.06
C PRO A 144 -8.70 -12.34 -9.80
N LYS A 145 -7.67 -13.16 -9.73
CA LYS A 145 -6.78 -13.13 -8.59
C LYS A 145 -6.06 -11.79 -8.68
N SER A 146 -6.29 -10.96 -7.67
CA SER A 146 -5.67 -9.65 -7.58
C SER A 146 -5.82 -9.21 -6.16
N VAL A 147 -5.13 -8.15 -5.82
CA VAL A 147 -5.21 -7.63 -4.48
C VAL A 147 -5.33 -6.14 -4.62
N ILE A 148 -6.24 -5.57 -3.84
CA ILE A 148 -6.42 -4.15 -3.84
C ILE A 148 -5.97 -3.69 -2.48
N LEU A 149 -5.25 -2.60 -2.44
CA LEU A 149 -4.79 -2.06 -1.20
C LEU A 149 -5.63 -0.80 -1.14
N LEU A 150 -6.46 -0.70 -0.12
CA LEU A 150 -7.35 0.44 0.05
C LEU A 150 -6.82 1.31 1.15
N PHE A 151 -6.74 2.59 0.88
CA PHE A 151 -6.28 3.53 1.88
C PHE A 151 -7.44 4.39 2.35
N SER A 152 -7.33 4.95 3.54
CA SER A 152 -8.39 5.78 4.06
C SER A 152 -8.72 6.94 3.14
N SER A 153 -7.73 7.35 2.35
CA SER A 153 -7.89 8.46 1.40
C SER A 153 -8.81 8.06 0.27
N GLY A 154 -9.00 6.76 0.13
CA GLY A 154 -9.81 6.27 -0.96
C GLY A 154 -8.88 5.87 -2.09
N LYS A 155 -7.59 6.16 -1.96
CA LYS A 155 -6.65 5.75 -2.99
C LYS A 155 -6.54 4.28 -2.81
N ILE A 156 -6.47 3.61 -3.94
CA ILE A 156 -6.30 2.17 -3.94
C ILE A 156 -5.10 1.83 -4.85
N VAL A 157 -4.53 0.66 -4.64
CA VAL A 157 -3.47 0.18 -5.49
C VAL A 157 -3.83 -1.25 -5.75
N CYS A 158 -4.10 -1.55 -7.01
CA CYS A 158 -4.46 -2.89 -7.42
C CYS A 158 -3.27 -3.59 -8.07
N SER A 159 -3.01 -4.81 -7.65
CA SER A 159 -1.91 -5.58 -8.18
C SER A 159 -2.39 -7.01 -8.29
N GLY A 160 -1.62 -7.84 -8.98
CA GLY A 160 -1.99 -9.24 -9.13
C GLY A 160 -2.69 -9.49 -10.44
N ALA A 161 -3.34 -8.45 -10.98
CA ALA A 161 -4.07 -8.58 -12.23
C ALA A 161 -3.14 -8.44 -13.43
N LYS A 162 -3.38 -9.27 -14.45
CA LYS A 162 -2.57 -9.25 -15.63
C LYS A 162 -3.24 -8.47 -16.73
N SER A 163 -4.32 -7.76 -16.40
CA SER A 163 -5.04 -6.94 -17.36
C SER A 163 -5.75 -5.81 -16.65
N GLU A 164 -5.94 -4.70 -17.35
CA GLU A 164 -6.60 -3.56 -16.78
C GLU A 164 -8.04 -3.88 -16.51
N ALA A 165 -8.61 -4.72 -17.36
CA ALA A 165 -9.99 -5.10 -17.25
C ALA A 165 -10.16 -5.88 -15.97
N ASP A 166 -9.22 -6.75 -15.67
CA ASP A 166 -9.33 -7.55 -14.47
C ASP A 166 -9.17 -6.72 -13.22
N ALA A 167 -8.30 -5.71 -13.31
CA ALA A 167 -8.02 -4.79 -12.24
C ALA A 167 -9.30 -4.06 -11.98
N TRP A 168 -9.89 -3.56 -13.05
CA TRP A 168 -11.12 -2.85 -12.95
C TRP A 168 -12.21 -3.71 -12.32
N GLU A 169 -12.25 -4.99 -12.65
CA GLU A 169 -13.26 -5.85 -12.09
C GLU A 169 -12.98 -6.06 -10.63
N ALA A 170 -11.70 -6.11 -10.28
CA ALA A 170 -11.26 -6.33 -8.91
C ALA A 170 -11.74 -5.16 -8.07
N VAL A 171 -11.53 -3.97 -8.60
CA VAL A 171 -11.91 -2.71 -7.99
C VAL A 171 -13.44 -2.64 -7.87
N ARG A 172 -14.10 -3.14 -8.91
CA ARG A 172 -15.54 -3.18 -9.03
C ARG A 172 -16.08 -4.12 -7.96
N LYS A 173 -15.39 -5.25 -7.78
CA LYS A 173 -15.79 -6.23 -6.79
C LYS A 173 -15.65 -5.68 -5.36
N LEU A 174 -14.59 -4.93 -5.12
CA LEU A 174 -14.33 -4.31 -3.83
C LEU A 174 -15.44 -3.33 -3.53
N LEU A 175 -15.72 -2.45 -4.48
CA LEU A 175 -16.73 -1.43 -4.34
C LEU A 175 -18.07 -2.07 -4.12
N ARG A 176 -18.26 -3.20 -4.77
CA ARG A 176 -19.47 -3.97 -4.72
C ARG A 176 -19.64 -4.52 -3.32
N GLU A 177 -18.54 -5.02 -2.78
CA GLU A 177 -18.45 -5.61 -1.46
C GLU A 177 -18.60 -4.51 -0.39
N LEU A 178 -17.97 -3.37 -0.61
CA LEU A 178 -18.05 -2.27 0.34
C LEU A 178 -19.50 -1.84 0.35
N ASP A 179 -20.06 -1.73 -0.84
CA ASP A 179 -21.45 -1.33 -1.03
C ASP A 179 -22.38 -2.30 -0.28
N LYS A 180 -22.16 -3.58 -0.52
CA LYS A 180 -22.93 -4.66 0.07
C LYS A 180 -22.91 -4.57 1.58
N TYR A 181 -21.83 -4.01 2.13
CA TYR A 181 -21.70 -3.89 3.57
C TYR A 181 -21.92 -2.47 4.05
N GLY A 182 -22.63 -1.70 3.24
CA GLY A 182 -22.92 -0.33 3.60
C GLY A 182 -21.69 0.44 4.02
N LEU A 183 -20.70 0.44 3.13
CA LEU A 183 -19.47 1.14 3.39
C LEU A 183 -19.24 2.21 2.34
N LEU A 184 -20.24 2.41 1.49
CA LEU A 184 -20.17 3.42 0.45
C LEU A 184 -21.39 4.33 0.63
N VAL B 2 18.19 12.29 0.43
CA VAL B 2 18.93 13.59 0.35
C VAL B 2 18.02 14.82 0.25
N ASP B 3 17.37 15.00 -0.90
CA ASP B 3 16.48 16.13 -1.12
C ASP B 3 15.04 15.97 -0.59
N MET B 4 14.79 16.51 0.60
CA MET B 4 13.47 16.45 1.22
C MET B 4 12.50 17.53 0.73
N SER B 5 12.91 18.31 -0.27
CA SER B 5 12.07 19.39 -0.75
C SER B 5 10.91 18.89 -1.54
N LYS B 6 11.03 17.71 -2.11
CA LYS B 6 9.92 17.21 -2.91
C LYS B 6 9.15 16.12 -2.20
N VAL B 7 9.56 15.85 -0.98
CA VAL B 7 8.91 14.86 -0.16
C VAL B 7 7.73 15.52 0.52
N LYS B 8 6.56 15.03 0.19
CA LYS B 8 5.34 15.52 0.75
C LYS B 8 4.79 14.42 1.63
N LEU B 9 4.38 14.79 2.83
CA LEU B 9 3.80 13.82 3.75
C LEU B 9 2.56 14.44 4.35
N ARG B 10 1.45 13.74 4.27
CA ARG B 10 0.22 14.23 4.81
C ARG B 10 -0.42 13.16 5.66
N ILE B 11 -0.89 13.57 6.84
CA ILE B 11 -1.56 12.66 7.75
C ILE B 11 -2.80 12.14 7.04
N GLU B 12 -2.99 10.86 7.15
CA GLU B 12 -4.14 10.23 6.56
C GLU B 12 -5.07 9.68 7.65
N ASN B 13 -4.48 9.29 8.76
CA ASN B 13 -5.23 8.71 9.82
C ASN B 13 -4.40 8.66 11.06
N ILE B 14 -5.07 8.84 12.20
CA ILE B 14 -4.48 8.72 13.53
C ILE B 14 -5.49 7.82 14.26
N VAL B 15 -4.96 6.77 14.86
CA VAL B 15 -5.80 5.87 15.61
C VAL B 15 -5.32 5.97 17.02
N ALA B 16 -6.26 6.10 17.95
CA ALA B 16 -5.87 6.20 19.33
C ALA B 16 -6.58 5.13 20.13
N SER B 17 -5.86 4.59 21.09
CA SER B 17 -6.41 3.63 21.99
C SER B 17 -6.83 4.52 23.16
N VAL B 18 -8.02 4.30 23.67
CA VAL B 18 -8.48 5.09 24.80
C VAL B 18 -9.06 4.19 25.85
N ASP B 19 -8.79 4.49 27.10
CA ASP B 19 -9.35 3.72 28.19
C ASP B 19 -10.13 4.69 29.02
N LEU B 20 -11.45 4.62 28.91
CA LEU B 20 -12.31 5.50 29.67
C LEU B 20 -12.33 5.00 31.12
N PHE B 21 -11.61 3.91 31.36
CA PHE B 21 -11.49 3.30 32.68
C PHE B 21 -12.79 3.04 33.41
N ALA B 22 -13.89 3.01 32.65
CA ALA B 22 -15.22 2.78 33.19
C ALA B 22 -15.92 1.77 32.30
N GLN B 23 -16.41 0.68 32.88
CA GLN B 23 -17.13 -0.32 32.12
C GLN B 23 -18.36 0.32 31.49
N LEU B 24 -18.57 0.02 30.21
CA LEU B 24 -19.67 0.52 29.41
C LEU B 24 -20.68 -0.56 29.05
N ASP B 25 -21.95 -0.22 29.17
CA ASP B 25 -23.01 -1.13 28.81
C ASP B 25 -23.30 -0.65 27.40
N LEU B 26 -22.76 -1.37 26.41
CA LEU B 26 -22.89 -0.99 25.01
C LEU B 26 -24.32 -0.84 24.55
N GLU B 27 -25.22 -1.61 25.18
CA GLU B 27 -26.65 -1.52 24.86
C GLU B 27 -27.15 -0.10 25.08
N LYS B 28 -26.71 0.51 26.17
CA LYS B 28 -27.10 1.87 26.49
C LYS B 28 -26.29 2.87 25.70
N VAL B 29 -25.01 2.53 25.49
CA VAL B 29 -24.09 3.38 24.75
C VAL B 29 -24.56 3.61 23.31
N LEU B 30 -25.10 2.56 22.69
CA LEU B 30 -25.58 2.67 21.33
C LEU B 30 -26.39 3.91 21.01
N ASP B 31 -27.26 4.33 21.91
CA ASP B 31 -28.10 5.49 21.61
C ASP B 31 -27.31 6.78 21.55
N LEU B 32 -26.11 6.75 22.10
CA LEU B 32 -25.24 7.91 22.10
C LEU B 32 -24.59 8.14 20.75
N CYS B 33 -24.54 7.10 19.95
CA CYS B 33 -23.91 7.20 18.65
C CYS B 33 -24.81 7.75 17.56
N PRO B 34 -24.30 8.75 16.82
CA PRO B 34 -25.10 9.33 15.73
C PRO B 34 -25.49 8.15 14.86
N ASN B 35 -24.49 7.36 14.53
CA ASN B 35 -24.70 6.16 13.76
C ASN B 35 -23.75 5.18 14.39
N SER B 36 -24.14 3.91 14.42
CA SER B 36 -23.31 2.88 14.99
C SER B 36 -23.60 1.59 14.25
N LYS B 37 -22.63 0.69 14.27
CA LYS B 37 -22.80 -0.61 13.67
C LYS B 37 -22.58 -1.39 14.92
N TYR B 38 -23.52 -2.23 15.30
CA TYR B 38 -23.32 -3.04 16.47
C TYR B 38 -23.79 -4.42 16.21
N ASN B 39 -22.82 -5.30 16.00
CA ASN B 39 -23.08 -6.70 15.74
C ASN B 39 -22.11 -7.43 16.68
N PRO B 40 -22.49 -7.49 17.99
CA PRO B 40 -21.78 -8.11 19.11
C PRO B 40 -21.23 -9.46 18.75
N GLU B 41 -22.00 -10.20 17.95
CA GLU B 41 -21.64 -11.53 17.50
C GLU B 41 -20.37 -11.54 16.67
N GLU B 42 -20.17 -10.52 15.84
CA GLU B 42 -18.98 -10.51 15.02
C GLU B 42 -17.92 -9.71 15.74
N PHE B 43 -18.24 -8.44 15.98
CA PHE B 43 -17.34 -7.51 16.64
C PHE B 43 -18.01 -7.06 17.93
N PRO B 44 -17.31 -7.22 19.04
CA PRO B 44 -17.75 -6.87 20.39
C PRO B 44 -17.94 -5.39 20.68
N GLY B 45 -17.23 -4.54 19.96
CA GLY B 45 -17.36 -3.11 20.22
C GLY B 45 -18.44 -2.49 19.40
N ILE B 46 -18.89 -1.31 19.80
CA ILE B 46 -19.87 -0.59 19.01
C ILE B 46 -19.02 0.24 18.09
N ILE B 47 -19.39 0.27 16.81
CA ILE B 47 -18.69 1.08 15.84
C ILE B 47 -19.47 2.38 15.87
N CYS B 48 -19.00 3.27 16.74
CA CYS B 48 -19.62 4.58 16.93
C CYS B 48 -19.18 5.66 15.97
N HIS B 49 -20.05 5.98 15.02
CA HIS B 49 -19.78 7.01 14.05
C HIS B 49 -20.22 8.38 14.52
N LEU B 50 -19.25 9.20 14.88
CA LEU B 50 -19.51 10.55 15.29
C LEU B 50 -19.53 11.37 14.02
N ASP B 51 -20.43 12.34 13.93
CA ASP B 51 -20.49 13.20 12.76
C ASP B 51 -19.39 14.25 12.96
N ASP B 52 -19.21 14.67 14.20
CA ASP B 52 -18.18 15.61 14.54
C ASP B 52 -17.52 15.30 15.84
N PRO B 53 -16.23 14.97 15.81
CA PRO B 53 -15.50 14.90 14.54
C PRO B 53 -15.93 13.68 13.73
N LYS B 54 -15.79 13.71 12.40
CA LYS B 54 -16.15 12.51 11.63
C LYS B 54 -15.06 11.49 11.94
N VAL B 55 -15.37 10.65 12.90
CA VAL B 55 -14.42 9.67 13.38
C VAL B 55 -15.31 8.50 13.83
N ALA B 56 -14.76 7.30 13.94
CA ALA B 56 -15.57 6.19 14.44
C ALA B 56 -14.85 5.65 15.64
N LEU B 57 -15.56 5.60 16.76
CA LEU B 57 -15.01 5.06 17.99
C LEU B 57 -15.47 3.64 18.05
N LEU B 58 -14.56 2.73 18.37
CA LEU B 58 -14.93 1.34 18.51
C LEU B 58 -15.06 1.30 20.02
N ILE B 59 -16.28 1.30 20.49
CA ILE B 59 -16.50 1.31 21.92
C ILE B 59 -16.71 -0.07 22.48
N PHE B 60 -15.84 -0.44 23.40
CA PHE B 60 -15.93 -1.75 24.01
C PHE B 60 -16.54 -1.56 25.37
N SER B 61 -17.14 -2.61 25.90
CA SER B 61 -17.79 -2.56 27.22
C SER B 61 -16.78 -2.35 28.33
N SER B 62 -15.52 -2.67 28.06
CA SER B 62 -14.48 -2.50 29.05
C SER B 62 -14.22 -1.04 29.30
N GLY B 63 -14.77 -0.18 28.44
CA GLY B 63 -14.52 1.25 28.59
C GLY B 63 -13.36 1.68 27.71
N LYS B 64 -12.73 0.70 27.08
CA LYS B 64 -11.64 0.99 26.18
C LYS B 64 -12.26 1.30 24.82
N LEU B 65 -11.71 2.30 24.16
CA LEU B 65 -12.19 2.69 22.87
C LEU B 65 -10.99 2.69 21.97
N VAL B 66 -11.30 2.78 20.69
CA VAL B 66 -10.34 2.89 19.63
C VAL B 66 -10.91 4.02 18.78
N VAL B 67 -10.22 5.15 18.77
CA VAL B 67 -10.69 6.25 17.95
C VAL B 67 -10.08 5.95 16.59
N THR B 68 -10.93 5.77 15.59
CA THR B 68 -10.46 5.46 14.28
C THR B 68 -10.99 6.49 13.29
N GLY B 69 -10.29 6.61 12.17
CA GLY B 69 -10.71 7.51 11.12
C GLY B 69 -10.46 8.95 11.44
N ALA B 70 -9.56 9.21 12.37
CA ALA B 70 -9.26 10.59 12.74
C ALA B 70 -8.13 11.11 11.90
N LYS B 71 -8.19 12.38 11.52
CA LYS B 71 -7.11 12.94 10.73
C LYS B 71 -6.26 13.88 11.55
N SER B 72 -6.63 14.08 12.83
CA SER B 72 -5.88 14.97 13.72
C SER B 72 -6.00 14.49 15.14
N VAL B 73 -5.08 14.96 16.00
CA VAL B 73 -5.08 14.63 17.41
C VAL B 73 -6.25 15.39 18.04
N GLN B 74 -6.62 16.51 17.44
CA GLN B 74 -7.74 17.28 17.93
C GLN B 74 -9.00 16.42 17.82
N ASP B 75 -9.20 15.81 16.65
CA ASP B 75 -10.31 14.93 16.32
C ASP B 75 -10.45 13.84 17.36
N ILE B 76 -9.30 13.26 17.68
CA ILE B 76 -9.21 12.19 18.64
C ILE B 76 -9.64 12.71 19.99
N GLU B 77 -9.02 13.80 20.42
CA GLU B 77 -9.31 14.41 21.69
C GLU B 77 -10.78 14.77 21.84
N ARG B 78 -11.33 15.38 20.80
CA ARG B 78 -12.71 15.80 20.82
C ARG B 78 -13.68 14.65 20.82
N ALA B 79 -13.34 13.60 20.09
CA ALA B 79 -14.21 12.44 20.00
C ALA B 79 -14.27 11.75 21.34
N VAL B 80 -13.13 11.60 21.98
CA VAL B 80 -13.10 10.96 23.28
C VAL B 80 -13.85 11.78 24.32
N ALA B 81 -13.72 13.10 24.28
CA ALA B 81 -14.41 13.98 25.22
C ALA B 81 -15.89 13.93 24.91
N LYS B 82 -16.21 13.91 23.61
CA LYS B 82 -17.59 13.84 23.12
C LYS B 82 -18.27 12.55 23.56
N LEU B 83 -17.55 11.43 23.47
CA LEU B 83 -18.12 10.17 23.88
C LEU B 83 -18.29 10.26 25.38
N ALA B 84 -17.21 10.63 26.06
CA ALA B 84 -17.19 10.75 27.51
C ALA B 84 -18.34 11.56 28.05
N GLN B 85 -18.64 12.69 27.44
CA GLN B 85 -19.73 13.50 27.90
C GLN B 85 -21.04 12.75 27.67
N LYS B 86 -21.18 12.11 26.51
CA LYS B 86 -22.37 11.35 26.20
C LYS B 86 -22.55 10.26 27.25
N LEU B 87 -21.46 9.60 27.59
CA LEU B 87 -21.52 8.54 28.57
C LEU B 87 -21.91 9.09 29.94
N LYS B 88 -21.42 10.27 30.27
CA LYS B 88 -21.76 10.92 31.52
C LYS B 88 -23.27 11.13 31.54
N SER B 89 -23.82 11.56 30.41
CA SER B 89 -25.26 11.79 30.31
C SER B 89 -26.11 10.54 30.50
N ILE B 90 -25.47 9.38 30.63
CA ILE B 90 -26.21 8.14 30.86
C ILE B 90 -25.72 7.51 32.14
N GLY B 91 -25.29 8.38 33.04
CA GLY B 91 -24.83 7.94 34.34
C GLY B 91 -23.46 7.34 34.38
N VAL B 92 -22.70 7.46 33.29
CA VAL B 92 -21.35 6.90 33.35
C VAL B 92 -20.49 7.90 34.08
N LYS B 93 -19.93 7.45 35.20
CA LYS B 93 -19.09 8.28 36.01
C LYS B 93 -17.72 7.72 35.71
N PHE B 94 -16.72 8.59 35.71
CA PHE B 94 -15.40 8.13 35.39
C PHE B 94 -14.50 8.39 36.56
N LYS B 95 -13.97 7.32 37.10
CA LYS B 95 -13.06 7.40 38.23
C LYS B 95 -11.75 8.06 37.79
N ARG B 96 -11.14 7.53 36.72
CA ARG B 96 -9.87 8.04 36.23
C ARG B 96 -10.00 9.00 35.06
N ALA B 97 -8.84 9.48 34.62
CA ALA B 97 -8.76 10.38 33.49
C ALA B 97 -8.68 9.41 32.33
N PRO B 98 -9.35 9.72 31.19
CA PRO B 98 -9.31 8.83 30.03
C PRO B 98 -7.86 8.74 29.62
N GLN B 99 -7.39 7.56 29.33
CA GLN B 99 -6.02 7.40 28.88
C GLN B 99 -6.03 7.28 27.37
N ILE B 100 -5.71 8.37 26.68
CA ILE B 100 -5.67 8.38 25.22
C ILE B 100 -4.24 8.21 24.73
N ASP B 101 -4.00 7.18 23.93
CA ASP B 101 -2.68 6.92 23.39
C ASP B 101 -2.72 6.78 21.88
N VAL B 102 -1.97 7.62 21.20
CA VAL B 102 -1.93 7.50 19.76
C VAL B 102 -1.33 6.15 19.49
N GLN B 103 -2.05 5.31 18.79
CA GLN B 103 -1.48 4.00 18.50
C GLN B 103 -0.86 3.93 17.11
N ASN B 104 -1.35 4.76 16.20
CA ASN B 104 -0.85 4.72 14.85
C ASN B 104 -1.23 5.92 14.06
N MET B 105 -0.30 6.35 13.21
CA MET B 105 -0.51 7.46 12.28
C MET B 105 -0.13 6.92 10.94
N VAL B 106 -0.93 7.26 9.95
CA VAL B 106 -0.68 6.83 8.62
C VAL B 106 -0.55 8.10 7.84
N PHE B 107 0.56 8.25 7.14
CA PHE B 107 0.78 9.43 6.33
C PHE B 107 0.88 8.94 4.91
N SER B 108 0.24 9.65 3.99
CA SER B 108 0.36 9.28 2.59
C SER B 108 1.42 10.27 2.17
N GLY B 109 2.10 10.01 1.07
CA GLY B 109 3.11 10.96 0.69
C GLY B 109 3.60 10.72 -0.69
N ASP B 110 4.72 11.33 -0.97
CA ASP B 110 5.32 11.22 -2.26
C ASP B 110 6.75 11.60 -2.04
N ILE B 111 7.67 10.75 -2.45
CA ILE B 111 9.08 11.11 -2.26
C ILE B 111 9.63 11.83 -3.48
N GLY B 112 8.75 12.13 -4.41
CA GLY B 112 9.09 12.88 -5.60
C GLY B 112 9.93 12.23 -6.67
N ARG B 113 9.96 10.91 -6.68
CA ARG B 113 10.74 10.17 -7.65
C ARG B 113 9.97 8.94 -7.97
N GLU B 114 9.86 8.61 -9.25
CA GLU B 114 9.20 7.38 -9.61
C GLU B 114 10.27 6.33 -9.33
N PHE B 115 9.86 5.09 -9.16
CA PHE B 115 10.78 4.04 -8.84
C PHE B 115 10.39 2.80 -9.55
N ASN B 116 11.37 1.93 -9.70
CA ASN B 116 11.17 0.63 -10.30
C ASN B 116 11.29 -0.22 -9.05
N LEU B 117 10.15 -0.67 -8.56
CA LEU B 117 10.08 -1.46 -7.33
C LEU B 117 10.82 -2.77 -7.39
N ASP B 118 10.88 -3.35 -8.59
CA ASP B 118 11.61 -4.59 -8.76
C ASP B 118 13.07 -4.31 -8.52
N VAL B 119 13.55 -3.23 -9.10
CA VAL B 119 14.93 -2.85 -8.87
C VAL B 119 15.14 -2.43 -7.41
N VAL B 120 14.29 -1.54 -6.90
CA VAL B 120 14.36 -1.10 -5.51
C VAL B 120 14.47 -2.32 -4.62
N ALA B 121 13.56 -3.27 -4.82
CA ALA B 121 13.51 -4.48 -4.01
C ALA B 121 14.71 -5.38 -4.12
N LEU B 122 15.30 -5.43 -5.31
CA LEU B 122 16.49 -6.25 -5.54
C LEU B 122 17.65 -5.50 -4.95
N THR B 123 17.55 -4.18 -4.96
CA THR B 123 18.61 -3.33 -4.48
C THR B 123 18.64 -3.02 -2.99
N LEU B 124 17.50 -2.67 -2.41
CA LEU B 124 17.45 -2.34 -0.99
C LEU B 124 17.81 -3.58 -0.21
N PRO B 125 18.63 -3.40 0.84
CA PRO B 125 19.11 -4.47 1.72
C PRO B 125 18.00 -5.17 2.48
N ASN B 126 16.94 -4.43 2.77
CA ASN B 126 15.86 -4.99 3.53
C ASN B 126 14.61 -4.24 3.24
N CYS B 127 13.75 -4.85 2.45
CA CYS B 127 12.45 -4.30 2.12
C CYS B 127 11.67 -5.53 1.72
N GLU B 128 10.37 -5.41 1.51
CA GLU B 128 9.57 -6.57 1.16
C GLU B 128 8.90 -6.20 -0.10
N TYR B 129 8.83 -7.13 -1.03
CA TYR B 129 8.23 -6.86 -2.31
C TYR B 129 7.68 -8.12 -2.90
N GLU B 130 6.36 -8.24 -2.83
CA GLU B 130 5.64 -9.38 -3.35
C GLU B 130 4.44 -8.78 -4.01
N PRO B 131 4.59 -8.19 -5.22
CA PRO B 131 3.50 -7.55 -5.96
C PRO B 131 2.23 -8.38 -6.25
N GLU B 132 2.35 -9.69 -6.35
CA GLU B 132 1.15 -10.46 -6.60
C GLU B 132 0.39 -10.64 -5.28
N GLN B 133 1.10 -10.40 -4.18
CA GLN B 133 0.56 -10.53 -2.84
C GLN B 133 0.18 -9.18 -2.28
N PHE B 134 0.99 -8.15 -2.58
CA PHE B 134 0.71 -6.82 -2.11
C PHE B 134 1.40 -5.82 -3.01
N PRO B 135 0.71 -4.70 -3.28
CA PRO B 135 1.39 -3.74 -4.14
C PRO B 135 2.41 -2.92 -3.36
N GLY B 136 3.40 -2.40 -4.07
CA GLY B 136 4.41 -1.58 -3.45
C GLY B 136 5.46 -2.35 -2.72
N VAL B 137 6.48 -1.64 -2.27
CA VAL B 137 7.57 -2.23 -1.54
C VAL B 137 7.37 -1.77 -0.09
N ILE B 138 7.55 -2.71 0.81
CA ILE B 138 7.42 -2.45 2.23
C ILE B 138 8.80 -2.17 2.75
N TYR B 139 8.95 -1.02 3.38
CA TYR B 139 10.23 -0.67 3.94
C TYR B 139 9.95 -0.45 5.39
N ARG B 140 10.51 -1.31 6.20
CA ARG B 140 10.31 -1.22 7.62
C ARG B 140 11.49 -0.54 8.25
N VAL B 141 11.16 0.39 9.15
CA VAL B 141 12.13 1.16 9.90
C VAL B 141 12.06 0.59 11.31
N LYS B 142 13.22 0.43 11.92
CA LYS B 142 13.34 -0.11 13.28
C LYS B 142 13.13 1.03 14.26
N GLU B 143 13.85 2.12 14.05
CA GLU B 143 13.71 3.30 14.89
C GLU B 143 13.64 4.53 14.00
N PRO B 144 12.46 5.19 14.00
CA PRO B 144 11.32 4.74 14.81
C PRO B 144 10.62 3.55 14.11
N LYS B 145 10.10 2.60 14.88
CA LYS B 145 9.41 1.46 14.27
C LYS B 145 8.25 2.02 13.45
N SER B 146 8.36 1.84 12.15
CA SER B 146 7.37 2.32 11.22
C SER B 146 7.50 1.47 9.97
N VAL B 147 6.56 1.64 9.05
CA VAL B 147 6.56 0.89 7.82
C VAL B 147 6.19 1.85 6.75
N ILE B 148 7.01 1.91 5.71
CA ILE B 148 6.72 2.74 4.57
C ILE B 148 6.47 1.85 3.39
N LEU B 149 5.34 2.07 2.76
CA LEU B 149 4.99 1.30 1.61
C LEU B 149 5.32 2.24 0.46
N LEU B 150 6.21 1.81 -0.43
CA LEU B 150 6.63 2.62 -1.57
C LEU B 150 6.06 2.09 -2.85
N PHE B 151 5.51 2.99 -3.65
CA PHE B 151 4.93 2.64 -4.93
C PHE B 151 5.83 3.18 -6.03
N SER B 152 5.78 2.53 -7.18
CA SER B 152 6.58 2.95 -8.33
C SER B 152 6.39 4.44 -8.61
N SER B 153 5.19 4.94 -8.36
CA SER B 153 4.87 6.35 -8.55
C SER B 153 5.71 7.26 -7.69
N GLY B 154 6.24 6.72 -6.60
CA GLY B 154 7.00 7.53 -5.68
C GLY B 154 6.08 7.88 -4.52
N LYS B 155 4.80 7.51 -4.66
CA LYS B 155 3.85 7.73 -3.61
C LYS B 155 4.21 6.72 -2.53
N ILE B 156 4.16 7.18 -1.29
CA ILE B 156 4.45 6.33 -0.16
C ILE B 156 3.34 6.46 0.85
N VAL B 157 3.23 5.46 1.71
CA VAL B 157 2.26 5.50 2.77
C VAL B 157 3.03 5.05 3.98
N CYS B 158 3.30 6.00 4.88
CA CYS B 158 4.02 5.70 6.13
C CYS B 158 3.00 5.34 7.21
N SER B 159 3.24 4.26 7.89
CA SER B 159 2.35 3.84 8.94
C SER B 159 3.22 3.34 10.07
N GLY B 160 2.62 3.11 11.23
CA GLY B 160 3.35 2.60 12.37
C GLY B 160 3.91 3.67 13.27
N ALA B 161 4.20 4.83 12.72
CA ALA B 161 4.73 5.90 13.55
C ALA B 161 3.56 6.47 14.36
N LYS B 162 3.88 7.16 15.46
CA LYS B 162 2.87 7.71 16.32
C LYS B 162 3.17 9.19 16.49
N SER B 163 3.95 9.70 15.57
CA SER B 163 4.39 11.06 15.60
C SER B 163 4.58 11.41 14.15
N GLU B 164 4.32 12.66 13.78
CA GLU B 164 4.54 13.06 12.40
C GLU B 164 6.05 13.15 12.18
N ALA B 165 6.77 13.54 13.23
CA ALA B 165 8.21 13.67 13.15
C ALA B 165 8.84 12.31 12.88
N ASP B 166 8.31 11.28 13.52
CA ASP B 166 8.84 9.95 13.33
C ASP B 166 8.55 9.41 11.95
N ALA B 167 7.41 9.82 11.41
CA ALA B 167 6.99 9.39 10.08
C ALA B 167 7.97 9.99 9.09
N TRP B 168 8.24 11.29 9.26
CA TRP B 168 9.16 12.01 8.38
C TRP B 168 10.54 11.46 8.48
N GLU B 169 10.93 11.11 9.70
CA GLU B 169 12.21 10.53 9.89
C GLU B 169 12.27 9.14 9.29
N ALA B 170 11.11 8.52 9.20
CA ALA B 170 10.95 7.19 8.64
C ALA B 170 11.18 7.38 7.16
N VAL B 171 10.49 8.36 6.62
CA VAL B 171 10.60 8.69 5.22
C VAL B 171 12.03 9.11 4.90
N ARG B 172 12.67 9.80 5.84
CA ARG B 172 14.05 10.25 5.67
C ARG B 172 14.94 9.06 5.57
N LYS B 173 14.72 8.09 6.45
CA LYS B 173 15.49 6.87 6.44
C LYS B 173 15.26 6.12 5.13
N LEU B 174 14.04 6.14 4.64
CA LEU B 174 13.75 5.44 3.41
C LEU B 174 14.61 6.09 2.34
N LEU B 175 14.55 7.41 2.26
CA LEU B 175 15.28 8.18 1.27
C LEU B 175 16.80 8.07 1.37
N ARG B 176 17.29 8.09 2.59
CA ARG B 176 18.69 8.04 2.89
C ARG B 176 19.17 6.67 2.37
N GLU B 177 18.30 5.67 2.52
CA GLU B 177 18.56 4.31 2.12
C GLU B 177 18.57 4.22 0.60
N LEU B 178 17.52 4.75 -0.02
CA LEU B 178 17.39 4.73 -1.46
C LEU B 178 18.61 5.41 -2.05
N ASP B 179 19.02 6.49 -1.42
CA ASP B 179 20.16 7.26 -1.85
C ASP B 179 21.45 6.44 -1.74
N LYS B 180 21.60 5.77 -0.61
CA LYS B 180 22.74 4.92 -0.34
C LYS B 180 22.91 3.85 -1.43
N TYR B 181 21.78 3.37 -1.93
CA TYR B 181 21.78 2.35 -2.94
C TYR B 181 21.67 2.88 -4.36
N GLY B 182 21.87 4.18 -4.50
CA GLY B 182 21.82 4.78 -5.81
C GLY B 182 20.48 4.70 -6.46
N LEU B 183 19.43 4.56 -5.65
CA LEU B 183 18.09 4.46 -6.20
C LEU B 183 17.46 5.83 -6.31
N LEU B 184 18.19 6.86 -5.89
CA LEU B 184 17.68 8.22 -5.97
C LEU B 184 18.46 9.01 -7.01
#